data_3VA4
#
_entry.id   3VA4
#
_cell.length_a   28.508
_cell.length_b   70.224
_cell.length_c   101.335
_cell.angle_alpha   90.00
_cell.angle_beta   90.00
_cell.angle_gamma   90.00
#
_symmetry.space_group_name_H-M   'P 21 21 21'
#
loop_
_entity.id
_entity.type
_entity.pdbx_description
1 polymer 'Mediator of DNA damage checkpoint protein 1'
2 polymer 'Serine/threonine-protein kinase Chk2'
3 water water
#
loop_
_entity_poly.entity_id
_entity_poly.type
_entity_poly.pdbx_seq_one_letter_code
_entity_poly.pdbx_strand_id
1 'polypeptide(L)'
;MGSSHHHHHHSSGLVPRGSHMEPIGQLRLFSGTHGPERDFPLYLGKNVVGRSPDCSVALPFPSISKQHAVIEISAWNKAP
ILQDCGSLNGTQIVKPPRVLPPGVSHRLRDQELILFADFPCQYHRLDVPPPL
;
A,B
2 'polypeptide(L)' LETVS(TPO)QELYS C
#
# COMPACT_ATOMS: atom_id res chain seq x y z
N HIS A 20 -2.60 -28.72 13.76
CA HIS A 20 -1.75 -27.53 13.41
C HIS A 20 -0.77 -27.82 12.25
N MET A 21 -1.00 -27.21 11.08
CA MET A 21 -0.03 -27.25 9.95
C MET A 21 0.74 -25.96 9.92
N GLU A 22 1.76 -25.92 9.09
CA GLU A 22 2.60 -24.68 8.96
C GLU A 22 2.02 -23.71 7.91
N PRO A 23 1.83 -22.42 8.27
CA PRO A 23 1.38 -21.42 7.33
C PRO A 23 2.36 -21.32 6.15
N ILE A 24 1.86 -21.13 4.96
CA ILE A 24 2.67 -20.99 3.76
C ILE A 24 2.89 -19.47 3.49
N GLY A 25 2.05 -18.60 4.04
CA GLY A 25 2.19 -17.17 3.83
C GLY A 25 1.55 -16.42 4.97
N GLN A 26 1.54 -15.10 4.83
CA GLN A 26 0.86 -14.31 5.88
C GLN A 26 0.27 -13.05 5.21
N LEU A 27 -0.75 -12.50 5.91
CA LEU A 27 -1.46 -11.27 5.47
C LEU A 27 -1.25 -10.30 6.64
N ARG A 28 -0.70 -9.10 6.36
CA ARG A 28 -0.46 -8.07 7.36
C ARG A 28 -1.49 -7.00 7.16
N LEU A 29 -2.26 -6.66 8.19
CA LEU A 29 -3.15 -5.49 8.12
C LEU A 29 -2.40 -4.36 8.75
N PHE A 30 -2.05 -3.34 7.99
CA PHE A 30 -1.22 -2.28 8.53
C PHE A 30 -1.98 -1.51 9.63
N SER A 31 -1.20 -0.97 10.56
CA SER A 31 -1.70 -0.03 11.56
C SER A 31 -2.34 1.14 10.81
N GLY A 32 -3.33 1.72 11.46
CA GLY A 32 -4.01 2.88 10.93
C GLY A 32 -4.93 3.50 11.94
N THR A 33 -5.85 4.33 11.45
CA THR A 33 -6.81 4.92 12.38
C THR A 33 -7.64 3.85 13.14
N HIS A 34 -7.77 2.64 12.55
CA HIS A 34 -8.54 1.54 13.16
C HIS A 34 -7.82 0.90 14.34
N GLY A 35 -6.50 1.13 14.50
CA GLY A 35 -5.68 0.45 15.53
C GLY A 35 -4.33 -0.09 15.04
N PRO A 36 -3.65 -0.91 15.89
CA PRO A 36 -2.28 -1.32 15.48
C PRO A 36 -2.31 -2.43 14.43
N GLU A 37 -1.12 -2.77 13.93
CA GLU A 37 -1.02 -3.82 12.92
C GLU A 37 -1.57 -5.17 13.45
N ARG A 38 -2.19 -5.95 12.59
CA ARG A 38 -2.53 -7.36 12.86
C ARG A 38 -1.92 -8.19 11.74
N ASP A 39 -1.49 -9.42 12.07
CA ASP A 39 -0.92 -10.34 11.09
C ASP A 39 -1.63 -11.68 11.23
N PHE A 40 -1.85 -12.27 10.10
CA PHE A 40 -2.64 -13.51 9.99
C PHE A 40 -1.87 -14.52 9.20
N PRO A 41 -1.90 -15.80 9.63
CA PRO A 41 -1.39 -16.88 8.82
C PRO A 41 -2.27 -17.17 7.57
N LEU A 42 -1.62 -17.63 6.53
CA LEU A 42 -2.38 -18.14 5.34
C LEU A 42 -1.89 -19.60 5.18
N TYR A 43 -2.82 -20.53 5.03
CA TYR A 43 -2.52 -21.93 4.90
C TYR A 43 -2.78 -22.45 3.52
N LEU A 44 -2.24 -23.63 3.21
CA LEU A 44 -2.69 -24.33 2.02
C LEU A 44 -4.21 -24.34 2.04
N GLY A 45 -4.75 -24.29 0.86
CA GLY A 45 -6.19 -24.24 0.71
C GLY A 45 -6.85 -22.92 0.76
N LYS A 46 -8.07 -22.96 1.23
CA LYS A 46 -8.91 -21.75 1.20
C LYS A 46 -8.74 -20.91 2.46
N ASN A 47 -8.51 -19.60 2.26
CA ASN A 47 -8.45 -18.70 3.45
C ASN A 47 -9.40 -17.53 3.25
N VAL A 48 -10.49 -17.47 4.01
CA VAL A 48 -11.51 -16.43 3.76
C VAL A 48 -11.22 -15.19 4.58
N VAL A 49 -11.20 -14.05 3.88
CA VAL A 49 -11.10 -12.74 4.49
C VAL A 49 -12.49 -12.16 4.68
N GLY A 50 -12.82 -11.75 5.91
CA GLY A 50 -14.12 -11.04 6.13
C GLY A 50 -14.30 -10.59 7.51
N ARG A 51 -15.49 -9.99 7.78
CA ARG A 51 -15.64 -9.41 9.10
C ARG A 51 -16.12 -10.40 10.09
N SER A 52 -16.71 -11.51 9.63
CA SER A 52 -17.17 -12.55 10.59
C SER A 52 -15.98 -13.07 11.40
N PRO A 53 -16.16 -13.28 12.71
CA PRO A 53 -14.98 -13.59 13.58
C PRO A 53 -14.36 -14.97 13.35
N ASP A 54 -15.09 -15.86 12.65
CA ASP A 54 -14.57 -17.20 12.35
C ASP A 54 -13.97 -17.31 10.94
N CYS A 55 -13.78 -16.20 10.28
CA CYS A 55 -13.01 -16.14 8.95
C CYS A 55 -11.55 -16.47 9.28
N SER A 56 -10.81 -17.15 8.37
CA SER A 56 -9.34 -17.28 8.47
C SER A 56 -8.63 -15.98 8.78
N VAL A 57 -9.03 -14.97 8.04
CA VAL A 57 -8.52 -13.63 8.18
C VAL A 57 -9.68 -12.71 8.63
N ALA A 58 -9.81 -12.49 9.94
CA ALA A 58 -10.98 -11.79 10.45
C ALA A 58 -10.62 -10.32 10.60
N LEU A 59 -11.28 -9.50 9.78
CA LEU A 59 -11.02 -8.04 9.81
C LEU A 59 -12.33 -7.45 10.35
N PRO A 60 -12.37 -7.20 11.66
CA PRO A 60 -13.67 -6.97 12.30
C PRO A 60 -14.13 -5.53 12.17
N PHE A 61 -14.32 -5.09 10.94
CA PHE A 61 -14.63 -3.69 10.67
C PHE A 61 -15.88 -3.61 9.86
N PRO A 62 -16.74 -2.62 10.14
CA PRO A 62 -18.06 -2.76 9.50
C PRO A 62 -18.08 -2.60 7.98
N SER A 63 -17.04 -1.98 7.42
CA SER A 63 -16.92 -1.73 6.00
C SER A 63 -16.39 -2.95 5.31
N ILE A 64 -15.94 -3.94 6.09
CA ILE A 64 -15.57 -5.24 5.50
C ILE A 64 -16.78 -6.18 5.44
N SER A 65 -16.96 -6.81 4.28
CA SER A 65 -18.09 -7.73 4.09
C SER A 65 -17.92 -9.00 4.99
N LYS A 66 -19.03 -9.69 5.28
CA LYS A 66 -18.93 -10.88 6.16
C LYS A 66 -18.04 -11.92 5.50
N GLN A 67 -18.22 -12.19 4.21
CA GLN A 67 -17.27 -12.99 3.43
C GLN A 67 -16.82 -12.03 2.27
N HIS A 68 -15.66 -11.43 2.45
CA HIS A 68 -15.22 -10.32 1.61
C HIS A 68 -14.41 -10.80 0.45
N ALA A 69 -13.44 -11.65 0.73
CA ALA A 69 -12.50 -12.18 -0.27
C ALA A 69 -11.96 -13.53 0.16
N VAL A 70 -11.29 -14.20 -0.78
CA VAL A 70 -10.64 -15.45 -0.41
C VAL A 70 -9.26 -15.48 -1.03
N ILE A 71 -8.32 -16.04 -0.27
CA ILE A 71 -6.98 -16.32 -0.78
C ILE A 71 -6.84 -17.82 -0.76
N GLU A 72 -6.61 -18.41 -1.96
CA GLU A 72 -6.59 -19.85 -2.13
C GLU A 72 -5.17 -20.25 -2.47
N ILE A 73 -4.58 -21.24 -1.77
CA ILE A 73 -3.20 -21.67 -2.06
C ILE A 73 -3.34 -23.11 -2.48
N SER A 74 -3.28 -23.37 -3.80
CA SER A 74 -3.69 -24.67 -4.38
C SER A 74 -2.73 -25.76 -4.03
N ALA A 75 -1.52 -25.37 -3.79
CA ALA A 75 -0.46 -26.36 -3.61
C ALA A 75 0.64 -25.56 -2.97
N TRP A 76 1.47 -26.26 -2.20
CA TRP A 76 2.59 -25.73 -1.45
C TRP A 76 3.40 -24.67 -2.12
N ASN A 77 3.79 -24.88 -3.37
CA ASN A 77 4.74 -23.94 -3.96
C ASN A 77 4.13 -23.15 -5.12
N LYS A 78 2.82 -22.92 -5.04
CA LYS A 78 2.09 -22.21 -6.09
C LYS A 78 1.77 -20.82 -5.51
N ALA A 79 1.84 -19.79 -6.34
CA ALA A 79 1.40 -18.49 -5.84
C ALA A 79 -0.05 -18.52 -5.39
N PRO A 80 -0.39 -17.85 -4.24
CA PRO A 80 -1.76 -17.76 -3.82
C PRO A 80 -2.58 -17.01 -4.85
N ILE A 81 -3.87 -17.36 -4.92
CA ILE A 81 -4.82 -16.65 -5.80
C ILE A 81 -5.76 -15.90 -4.88
N LEU A 82 -5.88 -14.60 -5.09
CA LEU A 82 -6.85 -13.75 -4.41
C LEU A 82 -8.09 -13.53 -5.30
N GLN A 83 -9.25 -13.67 -4.71
CA GLN A 83 -10.51 -13.37 -5.40
C GLN A 83 -11.39 -12.57 -4.41
N ASP A 84 -12.02 -11.53 -4.93
CA ASP A 84 -13.10 -10.84 -4.25
C ASP A 84 -14.40 -11.61 -4.37
N CYS A 85 -15.19 -11.62 -3.28
CA CYS A 85 -16.41 -12.45 -3.22
C CYS A 85 -17.63 -11.63 -3.44
N GLY A 86 -17.51 -10.57 -4.25
CA GLY A 86 -18.64 -9.72 -4.49
C GLY A 86 -18.89 -8.83 -3.32
N SER A 87 -17.80 -8.40 -2.67
CA SER A 87 -17.87 -7.50 -1.49
C SER A 87 -18.52 -6.13 -1.79
N LEU A 88 -19.17 -5.56 -0.79
CA LEU A 88 -19.82 -4.24 -1.03
C LEU A 88 -18.82 -3.15 -1.33
N ASN A 89 -17.72 -3.14 -0.59
CA ASN A 89 -16.78 -2.02 -0.68
C ASN A 89 -15.51 -2.33 -1.48
N GLY A 90 -15.42 -3.56 -1.90
CA GLY A 90 -14.44 -3.95 -2.89
C GLY A 90 -13.09 -4.36 -2.40
N THR A 91 -12.36 -4.92 -3.34
CA THR A 91 -10.94 -5.27 -3.13
C THR A 91 -10.16 -4.59 -4.26
N GLN A 92 -9.02 -4.01 -3.93
CA GLN A 92 -8.22 -3.35 -4.93
C GLN A 92 -6.82 -3.82 -4.93
N ILE A 93 -6.24 -4.00 -6.09
CA ILE A 93 -4.82 -4.30 -6.19
C ILE A 93 -4.11 -2.93 -6.15
N VAL A 94 -3.01 -2.85 -5.39
CA VAL A 94 -2.31 -1.57 -5.20
C VAL A 94 -1.34 -1.25 -6.33
N LYS A 95 -0.52 -2.24 -6.77
CA LYS A 95 0.42 -1.99 -7.85
C LYS A 95 0.36 -3.17 -8.83
N PRO A 96 -0.07 -2.94 -10.09
CA PRO A 96 -0.63 -1.67 -10.58
C PRO A 96 -2.02 -1.40 -9.89
N PRO A 97 -2.40 -0.10 -9.73
CA PRO A 97 -3.64 0.18 -9.03
C PRO A 97 -4.90 -0.06 -9.86
N ARG A 98 -5.68 -1.04 -9.43
CA ARG A 98 -6.94 -1.36 -10.15
C ARG A 98 -7.86 -2.20 -9.30
N VAL A 99 -9.15 -1.92 -9.45
CA VAL A 99 -10.18 -2.64 -8.72
C VAL A 99 -10.09 -4.10 -9.17
N LEU A 100 -10.27 -5.00 -8.25
CA LEU A 100 -10.32 -6.44 -8.58
C LEU A 100 -11.81 -6.78 -8.69
N PRO A 101 -12.34 -7.02 -9.93
CA PRO A 101 -13.75 -7.39 -10.04
C PRO A 101 -13.99 -8.69 -9.32
N PRO A 102 -15.19 -8.87 -8.78
CA PRO A 102 -15.53 -10.18 -8.17
C PRO A 102 -15.23 -11.38 -9.08
N GLY A 103 -14.75 -12.47 -8.51
CA GLY A 103 -14.52 -13.67 -9.30
C GLY A 103 -13.22 -13.75 -10.08
N VAL A 104 -12.62 -12.60 -10.38
CA VAL A 104 -11.32 -12.63 -11.16
C VAL A 104 -10.19 -13.09 -10.23
N SER A 105 -9.37 -14.08 -10.66
CA SER A 105 -8.27 -14.58 -9.85
C SER A 105 -7.07 -13.65 -10.04
N HIS A 106 -6.56 -13.18 -8.92
CA HIS A 106 -5.31 -12.40 -8.96
C HIS A 106 -4.19 -13.15 -8.30
N ARG A 107 -3.11 -13.39 -9.02
CA ARG A 107 -2.01 -14.09 -8.44
C ARG A 107 -1.29 -13.14 -7.52
N LEU A 108 -1.09 -13.54 -6.29
CA LEU A 108 -0.41 -12.70 -5.33
C LEU A 108 1.08 -12.78 -5.42
N ARG A 109 1.77 -11.64 -5.31
CA ARG A 109 3.21 -11.58 -5.42
C ARG A 109 3.72 -11.20 -4.03
N ASP A 110 4.86 -11.73 -3.64
CA ASP A 110 5.44 -11.45 -2.34
C ASP A 110 5.63 -9.92 -2.16
N GLN A 111 5.23 -9.45 -0.97
CA GLN A 111 5.26 -8.08 -0.50
C GLN A 111 4.23 -7.18 -1.15
N GLU A 112 3.33 -7.72 -1.95
CA GLU A 112 2.41 -6.81 -2.61
C GLU A 112 1.28 -6.37 -1.66
N LEU A 113 0.78 -5.17 -1.88
CA LEU A 113 -0.24 -4.60 -1.03
C LEU A 113 -1.60 -4.84 -1.74
N ILE A 114 -2.63 -5.03 -0.90
CA ILE A 114 -3.99 -5.14 -1.35
C ILE A 114 -4.82 -4.27 -0.48
N LEU A 115 -5.83 -3.63 -1.04
CA LEU A 115 -6.83 -2.94 -0.20
C LEU A 115 -8.10 -3.79 -0.06
N PHE A 116 -8.58 -4.01 1.15
CA PHE A 116 -9.89 -4.58 1.36
C PHE A 116 -10.73 -3.37 1.92
N ALA A 117 -11.75 -2.95 1.19
CA ALA A 117 -12.42 -1.69 1.49
C ALA A 117 -11.27 -0.63 1.46
N ASP A 118 -11.13 0.16 2.50
CA ASP A 118 -10.07 1.16 2.50
C ASP A 118 -8.86 0.71 3.34
N PHE A 119 -8.82 -0.58 3.70
CA PHE A 119 -7.74 -1.01 4.62
C PHE A 119 -6.60 -1.60 3.81
N PRO A 120 -5.38 -1.02 3.89
CA PRO A 120 -4.23 -1.62 3.17
C PRO A 120 -3.70 -2.83 3.96
N CYS A 121 -3.35 -3.87 3.21
CA CYS A 121 -2.88 -5.13 3.72
C CYS A 121 -1.74 -5.60 2.83
N GLN A 122 -0.87 -6.43 3.37
CA GLN A 122 0.29 -6.92 2.57
C GLN A 122 0.40 -8.42 2.65
N TYR A 123 0.66 -9.06 1.52
CA TYR A 123 0.86 -10.50 1.49
C TYR A 123 2.38 -10.76 1.51
N HIS A 124 2.84 -11.73 2.32
CA HIS A 124 4.23 -12.21 2.32
C HIS A 124 4.28 -13.72 2.29
N ARG A 125 5.12 -14.24 1.39
CA ARG A 125 5.33 -15.69 1.27
C ARG A 125 6.33 -16.09 2.35
N LEU A 126 6.03 -17.19 3.05
CA LEU A 126 6.92 -17.65 4.10
C LEU A 126 7.77 -18.75 3.48
N ASP A 127 9.01 -18.74 3.93
CA ASP A 127 10.06 -19.62 3.44
C ASP A 127 9.99 -20.97 4.21
N VAL A 128 9.02 -21.84 3.85
CA VAL A 128 8.84 -23.15 4.56
C VAL A 128 8.85 -24.38 3.65
N PRO A 129 9.26 -25.58 4.16
CA PRO A 129 9.10 -26.82 3.36
C PRO A 129 7.60 -27.23 3.22
N PRO A 130 7.31 -28.24 2.36
CA PRO A 130 5.98 -28.92 2.34
C PRO A 130 5.54 -29.55 3.67
N VAL B 4 24.82 7.47 -11.39
CA VAL B 4 23.76 6.44 -11.61
C VAL B 4 22.44 7.16 -12.10
N SER B 5 21.71 6.64 -13.12
CA SER B 5 20.35 7.16 -13.48
C SER B 5 19.32 6.26 -12.92
N GLN B 7 16.50 3.54 -12.48
CA GLN B 7 16.23 2.23 -13.07
C GLN B 7 14.79 2.14 -13.51
N GLU B 8 14.56 1.90 -14.80
CA GLU B 8 13.19 1.65 -15.25
C GLU B 8 12.58 0.36 -14.74
N LEU B 9 11.29 0.40 -14.41
CA LEU B 9 10.59 -0.77 -13.98
C LEU B 9 10.01 -1.42 -15.22
N TYR B 10 10.18 -2.73 -15.34
CA TYR B 10 9.59 -3.40 -16.48
C TYR B 10 8.74 -4.56 -15.96
N SER B 11 9.18 -5.78 -16.26
CA SER B 11 8.54 -7.03 -15.78
C SER B 11 9.61 -7.75 -15.00
N MET C 21 11.21 23.52 13.66
CA MET C 21 9.83 23.33 13.07
C MET C 21 9.31 21.96 13.43
N GLU C 22 8.08 21.90 13.91
CA GLU C 22 7.42 20.62 14.16
C GLU C 22 6.85 20.10 12.82
N PRO C 23 6.95 18.80 12.60
CA PRO C 23 6.24 18.24 11.43
C PRO C 23 4.73 18.50 11.47
N ILE C 24 4.13 18.64 10.26
CA ILE C 24 2.73 18.85 10.16
C ILE C 24 2.06 17.73 9.38
N GLY C 25 2.89 16.83 8.82
CA GLY C 25 2.34 15.63 8.17
C GLY C 25 3.42 14.56 8.27
N GLN C 26 3.02 13.36 7.85
CA GLN C 26 3.87 12.21 7.81
C GLN C 26 3.69 11.50 6.44
N LEU C 27 4.78 11.01 5.90
CA LEU C 27 4.71 10.14 4.76
C LEU C 27 5.18 8.76 5.30
N ARG C 28 4.29 7.76 5.26
CA ARG C 28 4.66 6.40 5.70
C ARG C 28 5.05 5.57 4.50
N LEU C 29 6.27 5.04 4.40
CA LEU C 29 6.67 4.16 3.37
C LEU C 29 6.38 2.78 3.92
N PHE C 30 5.44 2.01 3.39
CA PHE C 30 5.08 0.73 3.99
C PHE C 30 6.26 -0.24 3.91
N SER C 31 6.20 -1.17 4.88
CA SER C 31 7.15 -2.30 4.84
C SER C 31 7.19 -3.01 3.48
N GLY C 32 8.30 -3.66 3.17
CA GLY C 32 8.34 -4.47 1.93
C GLY C 32 9.67 -5.19 1.84
N THR C 33 10.07 -5.46 0.60
CA THR C 33 11.33 -6.13 0.36
C THR C 33 12.50 -5.38 1.00
N HIS C 34 12.37 -4.05 1.11
CA HIS C 34 13.40 -3.21 1.65
C HIS C 34 13.47 -3.18 3.17
N GLY C 35 12.55 -3.85 3.88
CA GLY C 35 12.51 -3.96 5.37
C GLY C 35 11.24 -3.30 6.00
N PRO C 36 11.26 -3.00 7.31
CA PRO C 36 10.16 -2.46 8.01
C PRO C 36 9.72 -1.09 7.46
N GLU C 37 8.53 -0.69 7.82
CA GLU C 37 8.09 0.68 7.54
C GLU C 37 9.13 1.73 7.85
N ARG C 38 9.19 2.81 7.06
CA ARG C 38 9.95 4.03 7.37
C ARG C 38 9.01 5.19 7.34
N ASP C 39 9.05 6.05 8.33
CA ASP C 39 8.19 7.20 8.40
C ASP C 39 8.99 8.46 8.24
N PHE C 40 8.49 9.35 7.36
CA PHE C 40 9.23 10.59 7.06
C PHE C 40 8.37 11.76 7.48
N PRO C 41 8.96 12.76 8.17
CA PRO C 41 8.13 13.89 8.59
C PRO C 41 8.00 14.87 7.39
N LEU C 42 6.87 15.57 7.29
CA LEU C 42 6.61 16.54 6.27
C LEU C 42 6.45 17.85 7.03
N TYR C 43 7.08 18.87 6.47
CA TYR C 43 7.07 20.21 7.09
C TYR C 43 6.38 21.25 6.20
N LEU C 44 6.10 22.45 6.75
CA LEU C 44 5.72 23.59 5.90
C LEU C 44 6.79 23.76 4.80
N GLY C 45 6.34 24.10 3.58
CA GLY C 45 7.17 24.40 2.44
C GLY C 45 7.29 23.23 1.51
N LYS C 46 8.43 23.12 0.86
CA LYS C 46 8.63 22.12 -0.20
C LYS C 46 9.26 20.91 0.43
N ASN C 47 8.62 19.78 0.22
CA ASN C 47 9.16 18.50 0.74
C ASN C 47 9.45 17.63 -0.49
N VAL C 48 10.69 17.55 -0.91
CA VAL C 48 10.98 16.83 -2.19
C VAL C 48 11.13 15.34 -1.88
N VAL C 49 10.52 14.49 -2.70
CA VAL C 49 10.62 13.04 -2.61
C VAL C 49 11.57 12.62 -3.68
N GLY C 50 12.61 11.87 -3.34
CA GLY C 50 13.55 11.43 -4.36
C GLY C 50 14.58 10.55 -3.78
N ARG C 51 15.47 10.06 -4.67
CA ARG C 51 16.40 9.13 -4.31
C ARG C 51 17.62 9.72 -3.64
N SER C 52 17.92 10.99 -4.01
CA SER C 52 19.08 11.79 -3.58
C SER C 52 19.03 12.03 -2.05
N PRO C 53 20.16 11.91 -1.36
CA PRO C 53 20.01 11.84 0.11
C PRO C 53 19.74 13.25 0.64
N ASP C 54 19.95 14.26 -0.23
CA ASP C 54 19.52 15.67 -0.07
C ASP C 54 17.98 15.88 0.09
N CYS C 55 17.18 14.98 -0.50
CA CYS C 55 15.72 15.14 -0.53
C CYS C 55 15.18 15.13 0.89
N SER C 56 14.18 15.98 1.09
CA SER C 56 13.42 15.98 2.30
C SER C 56 12.92 14.61 2.67
N VAL C 57 12.38 13.79 1.71
CA VAL C 57 11.86 12.45 1.85
C VAL C 57 12.76 11.57 0.92
N ALA C 58 13.80 10.96 1.49
CA ALA C 58 14.83 10.26 0.71
C ALA C 58 14.40 8.78 0.67
N LEU C 59 14.08 8.29 -0.52
CA LEU C 59 13.65 6.92 -0.72
C LEU C 59 14.79 6.31 -1.57
N PRO C 60 15.81 5.74 -0.92
CA PRO C 60 17.11 5.45 -1.61
C PRO C 60 16.99 4.10 -2.37
N PHE C 61 16.14 4.08 -3.38
CA PHE C 61 15.86 2.85 -4.14
C PHE C 61 16.02 3.18 -5.63
N PRO C 62 16.66 2.28 -6.39
CA PRO C 62 17.05 2.66 -7.74
C PRO C 62 15.93 3.09 -8.67
N SER C 63 14.69 2.60 -8.42
CA SER C 63 13.55 2.88 -9.33
C SER C 63 12.94 4.27 -8.98
N ILE C 64 13.38 4.87 -7.90
CA ILE C 64 12.86 6.23 -7.56
C ILE C 64 13.69 7.27 -8.29
N SER C 65 13.06 8.28 -8.86
CA SER C 65 13.87 9.29 -9.51
C SER C 65 14.68 10.14 -8.56
N LYS C 66 15.76 10.75 -9.05
CA LYS C 66 16.60 11.55 -8.10
C LYS C 66 15.77 12.74 -7.55
N GLN C 67 14.94 13.32 -8.38
CA GLN C 67 13.92 14.33 -7.95
C GLN C 67 12.64 13.78 -8.51
N HIS C 68 11.89 13.12 -7.65
CA HIS C 68 10.73 12.35 -8.14
C HIS C 68 9.44 13.13 -8.07
N ALA C 69 9.15 13.68 -6.89
CA ALA C 69 7.88 14.40 -6.68
C ALA C 69 8.12 15.44 -5.61
N VAL C 70 7.16 16.35 -5.44
CA VAL C 70 7.28 17.33 -4.36
C VAL C 70 5.94 17.41 -3.66
N ILE C 71 5.97 17.44 -2.32
CA ILE C 71 4.75 17.65 -1.56
C ILE C 71 4.92 19.08 -0.96
N GLU C 72 4.05 19.98 -1.36
CA GLU C 72 4.12 21.42 -0.93
C GLU C 72 3.04 21.63 0.10
N ILE C 73 3.40 22.20 1.25
CA ILE C 73 2.41 22.42 2.30
C ILE C 73 2.48 23.88 2.71
N SER C 74 1.37 24.57 2.47
CA SER C 74 1.28 26.03 2.73
C SER C 74 0.99 26.35 4.19
N ALA C 75 0.30 25.45 4.91
CA ALA C 75 -0.04 25.70 6.33
C ALA C 75 -0.48 24.40 6.88
N TRP C 76 -0.42 24.31 8.22
CA TRP C 76 -0.85 23.13 8.93
C TRP C 76 -2.27 22.80 8.53
N ASN C 77 -3.05 23.84 8.22
CA ASN C 77 -4.49 23.62 8.02
C ASN C 77 -4.87 23.71 6.53
N LYS C 78 -3.91 23.41 5.67
CA LYS C 78 -4.22 23.42 4.24
C LYS C 78 -3.76 22.09 3.67
N ALA C 79 -4.55 21.49 2.80
CA ALA C 79 -4.13 20.24 2.15
C ALA C 79 -2.77 20.39 1.47
N PRO C 80 -1.86 19.41 1.67
CA PRO C 80 -0.65 19.40 0.82
C PRO C 80 -0.96 19.26 -0.64
N ILE C 81 -0.08 19.75 -1.49
CA ILE C 81 -0.22 19.58 -2.94
C ILE C 81 0.93 18.70 -3.36
N LEU C 82 0.59 17.61 -4.01
CA LEU C 82 1.60 16.67 -4.59
C LEU C 82 1.66 16.90 -6.05
N GLN C 83 2.88 16.90 -6.58
CA GLN C 83 3.13 16.98 -8.02
C GLN C 83 4.28 16.01 -8.34
N ASP C 84 4.13 15.28 -9.41
CA ASP C 84 5.23 14.52 -10.00
C ASP C 84 6.15 15.43 -10.76
N CYS C 85 7.46 15.20 -10.61
CA CYS C 85 8.46 16.09 -11.24
C CYS C 85 8.97 15.51 -12.52
N GLY C 86 8.16 14.81 -13.27
CA GLY C 86 8.66 14.17 -14.50
C GLY C 86 9.49 12.91 -14.19
N SER C 87 9.03 12.15 -13.19
CA SER C 87 9.79 10.96 -12.77
C SER C 87 9.75 9.88 -13.84
N LEU C 88 10.74 9.01 -13.86
CA LEU C 88 10.76 7.95 -14.88
C LEU C 88 9.64 6.94 -14.71
N ASN C 89 9.44 6.51 -13.48
CA ASN C 89 8.49 5.41 -13.26
C ASN C 89 7.10 5.88 -12.71
N GLY C 90 6.98 7.21 -12.61
CA GLY C 90 5.65 7.80 -12.31
C GLY C 90 5.28 7.90 -10.85
N THR C 91 4.22 8.66 -10.62
CA THR C 91 3.56 8.76 -9.34
C THR C 91 2.12 8.49 -9.59
N GLN C 92 1.52 7.61 -8.79
CA GLN C 92 0.13 7.21 -8.93
C GLN C 92 -0.64 7.42 -7.64
N ILE C 93 -1.92 7.71 -7.73
CA ILE C 93 -2.83 7.71 -6.57
C ILE C 93 -3.44 6.33 -6.61
N VAL C 94 -3.39 5.64 -5.49
CA VAL C 94 -3.84 4.23 -5.42
C VAL C 94 -5.35 4.10 -5.48
N LYS C 95 -6.04 4.95 -4.76
CA LYS C 95 -7.48 4.84 -4.66
C LYS C 95 -8.15 6.19 -4.57
N PRO C 96 -9.01 6.58 -5.54
CA PRO C 96 -9.32 5.95 -6.87
C PRO C 96 -8.02 5.87 -7.67
N PRO C 97 -7.89 4.81 -8.51
CA PRO C 97 -6.62 4.68 -9.23
C PRO C 97 -6.40 5.71 -10.30
N ARG C 98 -5.34 6.47 -10.18
CA ARG C 98 -5.00 7.52 -11.12
C ARG C 98 -3.51 7.61 -11.36
N VAL C 99 -3.08 7.92 -12.57
CA VAL C 99 -1.71 8.38 -12.82
C VAL C 99 -1.69 9.90 -12.74
N LEU C 100 -0.72 10.46 -11.99
CA LEU C 100 -0.55 11.89 -11.89
C LEU C 100 0.35 12.33 -13.00
N PRO C 101 -0.17 13.11 -13.98
CA PRO C 101 0.68 13.60 -15.08
C PRO C 101 1.75 14.53 -14.48
N PRO C 102 2.95 14.56 -15.06
CA PRO C 102 3.97 15.53 -14.60
C PRO C 102 3.42 16.92 -14.50
N GLY C 103 3.74 17.54 -13.40
CA GLY C 103 3.46 18.94 -13.24
C GLY C 103 2.04 19.29 -12.80
N VAL C 104 1.12 18.30 -12.76
CA VAL C 104 -0.28 18.56 -12.36
C VAL C 104 -0.40 18.48 -10.84
N SER C 105 -1.05 19.45 -10.22
CA SER C 105 -1.20 19.50 -8.75
C SER C 105 -2.30 18.57 -8.32
N HIS C 106 -2.08 17.79 -7.27
CA HIS C 106 -3.08 16.98 -6.63
C HIS C 106 -3.15 17.26 -5.15
N ARG C 107 -4.33 17.61 -4.63
CA ARG C 107 -4.46 17.85 -3.18
C ARG C 107 -4.48 16.53 -2.44
N LEU C 108 -3.63 16.36 -1.43
CA LEU C 108 -3.62 15.12 -0.72
C LEU C 108 -4.70 15.11 0.36
N ARG C 109 -5.34 13.96 0.55
CA ARG C 109 -6.30 13.71 1.55
C ARG C 109 -5.67 12.87 2.68
N ASP C 110 -6.06 13.12 3.90
CA ASP C 110 -5.51 12.29 5.02
C ASP C 110 -5.80 10.81 4.76
N GLN C 111 -4.74 10.00 4.95
CA GLN C 111 -4.74 8.54 4.80
C GLN C 111 -4.67 8.10 3.31
N GLU C 112 -4.46 9.04 2.38
CA GLU C 112 -4.44 8.78 0.92
C GLU C 112 -3.21 7.86 0.66
N LEU C 113 -3.37 6.84 -0.13
CA LEU C 113 -2.29 5.97 -0.54
C LEU C 113 -1.71 6.43 -1.89
N ILE C 114 -0.39 6.54 -1.98
CA ILE C 114 0.35 7.05 -3.17
C ILE C 114 1.37 6.03 -3.56
N LEU C 115 1.62 5.83 -4.85
CA LEU C 115 2.76 5.01 -5.30
C LEU C 115 3.79 5.96 -5.88
N PHE C 116 5.05 5.84 -5.44
CA PHE C 116 6.22 6.47 -6.10
C PHE C 116 6.93 5.31 -6.78
N ALA C 117 6.95 5.29 -8.08
CA ALA C 117 7.38 4.07 -8.74
C ALA C 117 6.59 2.85 -8.24
N ASP C 118 7.26 1.79 -7.73
CA ASP C 118 6.58 0.61 -7.19
C ASP C 118 6.52 0.63 -5.67
N PHE C 119 6.76 1.78 -5.03
CA PHE C 119 6.78 1.90 -3.55
C PHE C 119 5.54 2.55 -2.99
N PRO C 120 4.67 1.76 -2.34
CA PRO C 120 3.46 2.38 -1.78
C PRO C 120 3.72 3.13 -0.48
N CYS C 121 3.08 4.30 -0.33
CA CYS C 121 3.21 5.20 0.79
C CYS C 121 1.84 5.60 1.21
N GLN C 122 1.75 6.17 2.39
CA GLN C 122 0.46 6.75 2.86
C GLN C 122 0.72 8.09 3.46
N TYR C 123 -0.12 9.09 3.17
CA TYR C 123 0.09 10.39 3.76
C TYR C 123 -0.86 10.51 4.94
N HIS C 124 -0.34 11.06 6.05
CA HIS C 124 -1.17 11.31 7.22
C HIS C 124 -0.95 12.74 7.62
N ARG C 125 -2.05 13.46 7.82
CA ARG C 125 -2.02 14.80 8.38
C ARG C 125 -1.81 14.71 9.90
N LEU C 126 -0.96 15.55 10.47
CA LEU C 126 -0.76 15.58 11.95
C LEU C 126 -1.57 16.67 12.56
N ASP C 127 -1.47 16.79 13.88
CA ASP C 127 -2.34 17.62 14.69
C ASP C 127 -1.54 18.49 15.83
N VAL C 128 -1.18 19.81 15.75
CA VAL C 128 -1.61 20.87 14.79
C VAL C 128 -0.71 22.11 14.70
#